data_2NX0
#
_entry.id   2NX0
#
_cell.length_a   34.520
_cell.length_b   51.530
_cell.length_c   38.060
_cell.angle_alpha   90.00
_cell.angle_beta   105.86
_cell.angle_gamma   90.00
#
_symmetry.space_group_name_H-M   'P 1 21 1'
#
loop_
_entity.id
_entity.type
_entity.pdbx_description
1 polymer Myoglobin
2 non-polymer 'SULFATE ION'
3 non-polymer 'PROTOPORPHYRIN IX CONTAINING FE'
4 non-polymer 'NITRIC OXIDE'
5 water water
#
_entity_poly.entity_id   1
_entity_poly.type   'polypeptide(L)'
_entity_poly.pdbx_seq_one_letter_code
;(ACE)ADFDAVLKCWGPVEADYTTIGGLVLTRLFKEHPETQKLFPKFAGIAQADIAGNAAVSAHGATVLKKLGELLKAKG
SHAAILKPLANSHATKHKIPINNFKLISEVLVKVMQEKAGLDAGGQTALRNVMGIIIADLEANYKELGFSG
;
_entity_poly.pdbx_strand_id   A
#
loop_
_chem_comp.id
_chem_comp.type
_chem_comp.name
_chem_comp.formula
ACE non-polymer 'ACETYL GROUP' 'C2 H4 O'
HEM non-polymer 'PROTOPORPHYRIN IX CONTAINING FE' 'C34 H32 Fe N4 O4'
NO non-polymer 'NITRIC OXIDE' 'N O'
SO4 non-polymer 'SULFATE ION' 'O4 S -2'
#
# COMPACT_ATOMS: atom_id res chain seq x y z
C ACE A 1 15.13 0.44 11.90
O ACE A 1 14.23 -0.39 11.69
CH3 ACE A 1 16.19 0.77 10.88
N ALA A 2 15.15 1.24 12.97
CA ALA A 2 14.22 1.01 14.08
C ALA A 2 12.77 1.07 13.61
N ASP A 3 12.44 1.96 12.70
CA ASP A 3 11.07 2.07 12.27
C ASP A 3 10.58 0.84 11.50
N PHE A 4 11.48 0.19 10.75
CA PHE A 4 11.10 -1.10 10.16
C PHE A 4 10.76 -2.11 11.22
N ASP A 5 11.56 -2.19 12.26
CA ASP A 5 11.28 -3.14 13.33
C ASP A 5 9.93 -2.85 13.95
N ALA A 6 9.61 -1.58 14.17
CA ALA A 6 8.36 -1.20 14.78
C ALA A 6 7.17 -1.66 13.92
N VAL A 7 7.28 -1.53 12.61
CA VAL A 7 6.19 -1.98 11.73
C VAL A 7 6.11 -3.51 11.75
N LEU A 8 7.26 -4.17 11.66
CA LEU A 8 7.28 -5.62 11.58
C LEU A 8 6.73 -6.26 12.85
N LYS A 9 6.84 -5.64 14.02
N LYS A 9 6.82 -5.53 13.98
CA LYS A 9 6.25 -6.22 15.22
CA LYS A 9 6.22 -5.89 15.30
C LYS A 9 4.72 -6.18 15.18
C LYS A 9 4.75 -6.12 15.19
N CYS A 10 4.12 -5.53 14.15
CA CYS A 10 2.69 -5.53 14.01
C CYS A 10 2.24 -6.14 12.69
N TRP A 11 3.16 -6.69 11.87
CA TRP A 11 2.80 -7.18 10.56
C TRP A 11 2.15 -8.54 10.60
N GLY A 12 2.22 -9.23 11.74
CA GLY A 12 1.70 -10.59 11.82
C GLY A 12 0.29 -10.73 11.32
N PRO A 13 -0.66 -9.92 11.81
CA PRO A 13 -2.04 -10.09 11.33
C PRO A 13 -2.23 -9.81 9.87
N VAL A 14 -1.35 -9.02 9.30
CA VAL A 14 -1.42 -8.70 7.89
C VAL A 14 -0.98 -9.93 7.10
N GLU A 15 0.21 -10.44 7.42
CA GLU A 15 0.76 -11.59 6.72
C GLU A 15 -0.11 -12.84 6.97
N ALA A 16 -0.79 -12.89 8.11
CA ALA A 16 -1.66 -14.03 8.44
C ALA A 16 -2.85 -14.14 7.51
N ASP A 17 -3.28 -13.05 6.89
N ASP A 17 -3.22 -12.98 6.95
CA ASP A 17 -4.42 -13.15 5.97
CA ASP A 17 -4.49 -12.80 6.24
C ASP A 17 -4.33 -11.97 5.04
C ASP A 17 -4.31 -11.81 5.07
N TYR A 18 -3.39 -12.10 4.13
CA TYR A 18 -3.12 -11.10 3.12
C TYR A 18 -4.38 -10.83 2.28
N THR A 19 -5.21 -11.84 2.04
CA THR A 19 -6.45 -11.61 1.26
C THR A 19 -7.43 -10.77 2.04
N THR A 20 -7.73 -11.13 3.26
CA THR A 20 -8.70 -10.36 4.02
C THR A 20 -8.22 -8.94 4.23
N ILE A 21 -6.97 -8.80 4.70
CA ILE A 21 -6.46 -7.46 4.96
C ILE A 21 -6.26 -6.67 3.66
N GLY A 22 -5.85 -7.36 2.60
CA GLY A 22 -5.70 -6.73 1.31
C GLY A 22 -7.06 -6.15 0.83
N GLY A 23 -8.13 -6.94 0.99
CA GLY A 23 -9.44 -6.45 0.66
C GLY A 23 -9.82 -5.25 1.52
N LEU A 24 -9.52 -5.32 2.82
CA LEU A 24 -9.86 -4.16 3.68
C LEU A 24 -9.16 -2.90 3.16
N VAL A 25 -7.87 -3.04 2.80
CA VAL A 25 -7.13 -1.88 2.39
C VAL A 25 -7.67 -1.28 1.07
N LEU A 26 -7.89 -2.13 0.05
CA LEU A 26 -8.35 -1.55 -1.22
C LEU A 26 -9.80 -1.03 -1.08
N THR A 27 -10.63 -1.75 -0.31
CA THR A 27 -12.01 -1.27 -0.11
C THR A 27 -11.98 0.12 0.54
N ARG A 28 -11.15 0.28 1.58
CA ARG A 28 -11.07 1.53 2.30
C ARG A 28 -10.44 2.63 1.44
N LEU A 29 -9.46 2.25 0.60
CA LEU A 29 -8.87 3.20 -0.31
C LEU A 29 -9.96 3.77 -1.24
N PHE A 30 -10.79 2.88 -1.83
CA PHE A 30 -11.79 3.37 -2.78
C PHE A 30 -12.93 4.13 -2.06
N LYS A 31 -13.17 3.83 -0.80
N LYS A 31 -13.16 3.79 -0.78
CA LYS A 31 -14.18 4.59 -0.11
CA LYS A 31 -14.16 4.47 0.05
C LYS A 31 -13.65 5.98 0.23
C LYS A 31 -13.72 5.88 0.42
N GLU A 32 -12.49 6.01 0.90
CA GLU A 32 -11.99 7.28 1.43
C GLU A 32 -11.39 8.17 0.35
N HIS A 33 -10.93 7.56 -0.77
CA HIS A 33 -10.24 8.26 -1.83
C HIS A 33 -10.86 7.79 -3.13
N PRO A 34 -12.11 8.15 -3.39
CA PRO A 34 -12.84 7.51 -4.48
C PRO A 34 -12.23 7.73 -5.85
N GLU A 35 -11.50 8.80 -6.02
CA GLU A 35 -10.86 9.09 -7.27
C GLU A 35 -9.76 8.07 -7.62
N THR A 36 -9.27 7.30 -6.64
CA THR A 36 -8.26 6.32 -6.94
C THR A 36 -8.82 5.12 -7.68
N GLN A 37 -10.14 4.91 -7.59
CA GLN A 37 -10.68 3.66 -8.14
C GLN A 37 -10.55 3.65 -9.66
N LYS A 38 -10.67 4.82 -10.30
CA LYS A 38 -10.57 4.90 -11.74
C LYS A 38 -9.16 4.57 -12.24
N LEU A 39 -8.18 4.59 -11.34
CA LEU A 39 -6.82 4.23 -11.69
C LEU A 39 -6.64 2.72 -11.78
N PHE A 40 -7.69 1.93 -11.40
CA PHE A 40 -7.69 0.49 -11.56
C PHE A 40 -8.80 0.15 -12.57
N PRO A 41 -8.56 0.22 -13.87
CA PRO A 41 -9.69 0.00 -14.82
C PRO A 41 -10.44 -1.29 -14.59
N LYS A 42 -9.79 -2.35 -14.05
CA LYS A 42 -10.53 -3.57 -13.80
C LYS A 42 -11.60 -3.40 -12.68
N PHE A 43 -11.37 -2.46 -11.76
CA PHE A 43 -12.27 -2.22 -10.64
C PHE A 43 -13.08 -0.94 -10.78
N ALA A 44 -12.68 -0.03 -11.64
CA ALA A 44 -13.35 1.25 -11.80
C ALA A 44 -14.84 1.01 -12.10
N GLY A 45 -15.69 1.78 -11.47
CA GLY A 45 -17.10 1.64 -11.75
C GLY A 45 -17.86 0.68 -10.85
N ILE A 46 -17.12 -0.19 -10.11
CA ILE A 46 -17.82 -1.08 -9.19
C ILE A 46 -18.35 -0.26 -8.02
N ALA A 47 -19.67 -0.31 -7.81
CA ALA A 47 -20.31 0.39 -6.70
C ALA A 47 -19.63 0.02 -5.38
N GLN A 48 -19.50 1.02 -4.50
CA GLN A 48 -18.76 0.80 -3.24
C GLN A 48 -19.33 -0.39 -2.46
N ALA A 49 -20.65 -0.56 -2.43
CA ALA A 49 -21.25 -1.64 -1.68
C ALA A 49 -20.78 -3.01 -2.12
N ASP A 50 -20.28 -3.11 -3.36
CA ASP A 50 -19.88 -4.40 -3.94
C ASP A 50 -18.39 -4.68 -3.82
N ILE A 51 -17.64 -3.76 -3.20
N ILE A 51 -17.65 -3.76 -3.19
CA ILE A 51 -16.18 -3.91 -3.21
CA ILE A 51 -16.21 -3.90 -3.16
C ILE A 51 -15.67 -4.77 -2.05
C ILE A 51 -15.75 -4.83 -2.06
N ALA A 52 -16.29 -4.66 -0.85
CA ALA A 52 -15.77 -5.42 0.29
C ALA A 52 -15.81 -6.91 0.06
N GLY A 53 -16.86 -7.36 -0.65
CA GLY A 53 -17.04 -8.79 -0.91
C GLY A 53 -16.44 -9.28 -2.20
N ASN A 54 -15.68 -8.43 -2.90
CA ASN A 54 -15.22 -8.80 -4.23
C ASN A 54 -13.88 -9.53 -4.13
N ALA A 55 -13.87 -10.80 -4.58
CA ALA A 55 -12.71 -11.63 -4.47
C ALA A 55 -11.55 -11.13 -5.32
N ALA A 56 -11.83 -10.55 -6.49
CA ALA A 56 -10.72 -10.05 -7.30
C ALA A 56 -10.06 -8.86 -6.62
N VAL A 57 -10.85 -7.97 -6.00
CA VAL A 57 -10.27 -6.85 -5.27
C VAL A 57 -9.39 -7.39 -4.12
N SER A 58 -9.92 -8.34 -3.37
N SER A 58 -9.92 -8.33 -3.34
CA SER A 58 -9.13 -8.85 -2.25
CA SER A 58 -9.12 -8.86 -2.23
C SER A 58 -7.85 -9.57 -2.72
C SER A 58 -7.85 -9.54 -2.74
N ALA A 59 -7.95 -10.31 -3.82
CA ALA A 59 -6.78 -10.99 -4.35
C ALA A 59 -5.71 -9.96 -4.77
N HIS A 60 -6.13 -8.85 -5.38
CA HIS A 60 -5.16 -7.83 -5.75
C HIS A 60 -4.58 -7.20 -4.50
N GLY A 61 -5.42 -6.93 -3.50
CA GLY A 61 -4.91 -6.39 -2.24
C GLY A 61 -3.86 -7.32 -1.60
N ALA A 62 -4.10 -8.62 -1.71
CA ALA A 62 -3.10 -9.59 -1.19
C ALA A 62 -1.77 -9.44 -1.95
N THR A 63 -1.82 -9.30 -3.26
CA THR A 63 -0.59 -9.10 -4.05
C THR A 63 0.13 -7.84 -3.59
N VAL A 64 -0.62 -6.76 -3.37
CA VAL A 64 -0.04 -5.50 -2.93
C VAL A 64 0.65 -5.69 -1.56
N LEU A 65 -0.08 -6.27 -0.61
CA LEU A 65 0.48 -6.36 0.75
C LEU A 65 1.65 -7.37 0.82
N LYS A 66 1.58 -8.44 0.01
N LYS A 66 1.59 -8.44 0.03
CA LYS A 66 2.74 -9.36 -0.09
CA LYS A 66 2.71 -9.37 0.04
C LYS A 66 3.97 -8.61 -0.51
C LYS A 66 3.95 -8.68 -0.56
N LYS A 67 3.78 -7.80 -1.56
CA LYS A 67 4.94 -7.06 -2.11
C LYS A 67 5.45 -6.08 -1.06
N LEU A 68 4.53 -5.37 -0.39
CA LEU A 68 4.97 -4.46 0.65
C LEU A 68 5.68 -5.23 1.77
N GLY A 69 5.17 -6.41 2.12
CA GLY A 69 5.81 -7.22 3.17
C GLY A 69 7.25 -7.54 2.74
N GLU A 70 7.46 -7.85 1.45
CA GLU A 70 8.83 -8.10 0.94
C GLU A 70 9.70 -6.86 1.18
N LEU A 71 9.21 -5.67 0.85
CA LEU A 71 9.97 -4.43 1.08
C LEU A 71 10.26 -4.24 2.55
N LEU A 72 9.27 -4.46 3.40
CA LEU A 72 9.43 -4.20 4.82
C LEU A 72 10.47 -5.15 5.41
N LYS A 73 10.40 -6.41 5.02
CA LYS A 73 11.28 -7.42 5.53
C LYS A 73 12.74 -7.18 5.04
N ALA A 74 12.90 -6.49 3.91
CA ALA A 74 14.19 -6.05 3.38
C ALA A 74 14.80 -4.86 4.13
N LYS A 75 14.04 -4.11 4.93
CA LYS A 75 14.65 -3.12 5.87
C LYS A 75 15.55 -2.09 5.17
N GLY A 76 15.10 -1.58 4.03
CA GLY A 76 15.76 -0.46 3.40
C GLY A 76 16.85 -0.83 2.42
N SER A 77 17.04 -2.12 2.19
CA SER A 77 17.95 -2.57 1.13
C SER A 77 17.11 -3.38 0.15
N HIS A 78 16.58 -2.69 -0.83
CA HIS A 78 15.43 -3.20 -1.55
C HIS A 78 15.42 -2.92 -3.06
N ALA A 79 16.55 -2.61 -3.69
CA ALA A 79 16.52 -2.13 -5.07
C ALA A 79 15.91 -3.12 -6.08
N ALA A 80 16.23 -4.39 -5.95
CA ALA A 80 15.72 -5.38 -6.89
C ALA A 80 14.23 -5.58 -6.74
N ILE A 81 13.67 -5.26 -5.58
CA ILE A 81 12.22 -5.35 -5.34
C ILE A 81 11.55 -4.06 -5.79
N LEU A 82 12.12 -2.93 -5.41
CA LEU A 82 11.49 -1.63 -5.55
C LEU A 82 11.58 -1.08 -6.96
N LYS A 83 12.73 -1.25 -7.66
CA LYS A 83 12.82 -0.65 -8.98
C LYS A 83 11.71 -1.16 -9.93
N PRO A 84 11.47 -2.49 -9.97
CA PRO A 84 10.42 -2.96 -10.88
C PRO A 84 9.04 -2.39 -10.51
N LEU A 85 8.85 -2.22 -9.21
N LEU A 85 8.76 -2.18 -9.22
CA LEU A 85 7.58 -1.69 -8.70
CA LEU A 85 7.46 -1.58 -8.82
C LEU A 85 7.37 -0.25 -9.16
C LEU A 85 7.36 -0.17 -9.30
N ALA A 86 8.43 0.58 -9.07
CA ALA A 86 8.40 1.94 -9.58
C ALA A 86 8.16 1.94 -11.09
N ASN A 87 8.94 1.06 -11.77
CA ASN A 87 8.86 1.07 -13.23
C ASN A 87 7.43 0.74 -13.70
N SER A 88 6.83 -0.28 -13.10
CA SER A 88 5.51 -0.68 -13.59
C SER A 88 4.47 0.38 -13.18
N HIS A 89 4.58 0.94 -11.99
CA HIS A 89 3.56 1.93 -11.56
C HIS A 89 3.66 3.22 -12.33
N ALA A 90 4.89 3.65 -12.64
CA ALA A 90 5.01 4.89 -13.41
C ALA A 90 4.56 4.67 -14.84
N THR A 91 5.00 3.55 -15.46
CA THR A 91 4.88 3.45 -16.92
C THR A 91 3.75 2.58 -17.43
N LYS A 92 3.38 1.54 -16.69
CA LYS A 92 2.30 0.64 -17.14
C LYS A 92 1.00 1.11 -16.52
N HIS A 93 0.98 1.21 -15.20
CA HIS A 93 -0.26 1.54 -14.49
C HIS A 93 -0.52 3.07 -14.52
N LYS A 94 0.55 3.84 -14.70
CA LYS A 94 0.48 5.28 -14.82
C LYS A 94 -0.18 5.92 -13.59
N ILE A 95 0.39 5.61 -12.44
CA ILE A 95 -0.13 6.05 -11.16
C ILE A 95 0.67 7.26 -10.65
N PRO A 96 0.12 8.47 -10.63
CA PRO A 96 0.95 9.56 -10.09
C PRO A 96 1.33 9.28 -8.62
N ILE A 97 2.51 9.75 -8.25
CA ILE A 97 3.11 9.37 -7.00
C ILE A 97 2.26 9.70 -5.78
N ASN A 98 1.48 10.78 -5.81
CA ASN A 98 0.72 11.14 -4.63
C ASN A 98 -0.23 10.01 -4.20
N ASN A 99 -0.65 9.17 -5.14
CA ASN A 99 -1.54 8.07 -4.74
C ASN A 99 -0.93 7.11 -3.75
N PHE A 100 0.41 6.98 -3.75
CA PHE A 100 1.03 6.11 -2.75
C PHE A 100 0.84 6.63 -1.34
N LYS A 101 0.86 7.95 -1.21
N LYS A 101 0.82 7.94 -1.14
CA LYS A 101 0.64 8.57 0.05
CA LYS A 101 0.64 8.43 0.20
C LYS A 101 -0.76 8.25 0.60
C LYS A 101 -0.78 8.10 0.64
N LEU A 102 -1.75 8.15 -0.29
CA LEU A 102 -3.12 7.82 0.09
C LEU A 102 -3.23 6.39 0.56
N ILE A 103 -2.66 5.44 -0.19
CA ILE A 103 -2.78 4.06 0.22
C ILE A 103 -2.01 3.85 1.51
N SER A 104 -0.90 4.55 1.73
N SER A 104 -0.90 4.61 1.68
CA SER A 104 -0.15 4.35 2.95
CA SER A 104 -0.15 4.64 2.96
C SER A 104 -0.97 4.75 4.18
C SER A 104 -1.07 5.04 4.10
N GLU A 105 -1.65 5.88 4.09
N GLU A 105 -1.83 6.13 3.93
CA GLU A 105 -2.50 6.32 5.18
CA GLU A 105 -2.73 6.57 4.99
C GLU A 105 -3.66 5.35 5.39
C GLU A 105 -3.75 5.51 5.33
N VAL A 106 -4.25 4.82 4.32
CA VAL A 106 -5.24 3.78 4.52
C VAL A 106 -4.65 2.59 5.29
N LEU A 107 -3.43 2.18 4.87
CA LEU A 107 -2.80 1.05 5.55
C LEU A 107 -2.60 1.36 7.04
N VAL A 108 -2.15 2.59 7.36
CA VAL A 108 -1.97 2.97 8.75
C VAL A 108 -3.26 2.74 9.52
N LYS A 109 -4.38 3.19 8.93
N LYS A 109 -4.40 3.17 8.96
CA LYS A 109 -5.70 3.05 9.58
CA LYS A 109 -5.66 3.03 9.71
C LYS A 109 -6.07 1.58 9.77
C LYS A 109 -6.14 1.57 9.77
N VAL A 110 -5.89 0.77 8.72
CA VAL A 110 -6.29 -0.62 8.77
C VAL A 110 -5.44 -1.36 9.81
N MET A 111 -4.13 -1.05 9.83
CA MET A 111 -3.26 -1.68 10.85
C MET A 111 -3.58 -1.23 12.28
N GLN A 112 -3.98 0.03 12.47
CA GLN A 112 -4.41 0.47 13.78
C GLN A 112 -5.59 -0.38 14.23
N GLU A 113 -6.52 -0.66 13.32
N GLU A 113 -6.52 -0.64 13.31
CA GLU A 113 -7.75 -1.39 13.68
CA GLU A 113 -7.75 -1.35 13.61
C GLU A 113 -7.57 -2.89 13.76
C GLU A 113 -7.47 -2.85 13.84
N LYS A 114 -6.70 -3.46 12.92
CA LYS A 114 -6.66 -4.92 12.82
C LYS A 114 -5.35 -5.53 13.28
N ALA A 115 -4.30 -4.71 13.46
CA ALA A 115 -2.97 -5.25 13.70
C ALA A 115 -2.27 -4.65 14.90
N GLY A 116 -3.04 -3.95 15.76
CA GLY A 116 -2.42 -3.46 16.97
C GLY A 116 -1.40 -2.38 16.80
N LEU A 117 -1.48 -1.64 15.69
N LEU A 117 -1.46 -1.68 15.67
CA LEU A 117 -0.45 -0.63 15.41
CA LEU A 117 -0.52 -0.61 15.39
C LEU A 117 -0.85 0.67 16.15
C LEU A 117 -0.95 0.59 16.25
N ASP A 118 -0.16 0.91 17.26
CA ASP A 118 -0.45 2.00 18.17
C ASP A 118 0.12 3.30 17.64
N ALA A 119 -0.03 4.39 18.40
CA ALA A 119 0.34 5.70 17.84
C ALA A 119 1.81 5.72 17.40
N GLY A 120 2.68 5.17 18.21
CA GLY A 120 4.11 5.15 17.85
C GLY A 120 4.35 4.26 16.61
N GLY A 121 3.65 3.14 16.53
CA GLY A 121 3.77 2.31 15.36
C GLY A 121 3.25 3.00 14.10
N GLN A 122 2.22 3.83 14.25
CA GLN A 122 1.69 4.57 13.12
C GLN A 122 2.73 5.56 12.63
N THR A 123 3.40 6.26 13.55
CA THR A 123 4.48 7.13 13.17
C THR A 123 5.54 6.39 12.39
N ALA A 124 5.93 5.24 12.91
CA ALA A 124 6.95 4.41 12.29
C ALA A 124 6.55 3.98 10.87
N LEU A 125 5.29 3.56 10.72
CA LEU A 125 4.84 3.13 9.40
C LEU A 125 4.83 4.32 8.45
N ARG A 126 4.36 5.49 8.90
N ARG A 126 4.38 5.46 8.93
CA ARG A 126 4.42 6.63 7.99
CA ARG A 126 4.42 6.64 8.09
C ARG A 126 5.88 6.91 7.59
C ARG A 126 5.85 6.92 7.63
N ASN A 127 6.82 6.78 8.51
CA ASN A 127 8.20 7.01 8.14
C ASN A 127 8.68 5.99 7.12
N VAL A 128 8.39 4.71 7.34
CA VAL A 128 8.81 3.68 6.43
C VAL A 128 8.17 3.85 5.05
N MET A 129 6.87 4.14 5.02
CA MET A 129 6.22 4.40 3.74
C MET A 129 6.87 5.64 3.09
N GLY A 130 7.32 6.63 3.91
CA GLY A 130 8.00 7.76 3.33
C GLY A 130 9.29 7.38 2.65
N ILE A 131 10.04 6.44 3.25
CA ILE A 131 11.28 5.92 2.64
C ILE A 131 10.93 5.27 1.29
N ILE A 132 9.92 4.39 1.31
CA ILE A 132 9.57 3.64 0.09
C ILE A 132 9.13 4.63 -0.97
N ILE A 133 8.27 5.58 -0.61
CA ILE A 133 7.70 6.49 -1.59
C ILE A 133 8.79 7.42 -2.15
N ALA A 134 9.75 7.84 -1.29
CA ALA A 134 10.83 8.70 -1.81
C ALA A 134 11.65 7.94 -2.85
N ASP A 135 11.87 6.65 -2.61
CA ASP A 135 12.64 5.83 -3.56
C ASP A 135 11.82 5.62 -4.84
N LEU A 136 10.51 5.32 -4.70
CA LEU A 136 9.65 5.22 -5.89
C LEU A 136 9.74 6.52 -6.68
N GLU A 137 9.64 7.65 -5.99
N GLU A 137 9.63 7.65 -5.98
CA GLU A 137 9.57 8.94 -6.68
CA GLU A 137 9.58 8.94 -6.64
C GLU A 137 10.89 9.24 -7.40
C GLU A 137 10.89 9.18 -7.42
N ALA A 138 12.03 8.87 -6.78
CA ALA A 138 13.32 9.07 -7.47
C ALA A 138 13.36 8.26 -8.75
N ASN A 139 12.85 7.01 -8.68
CA ASN A 139 12.79 6.17 -9.87
C ASN A 139 11.81 6.73 -10.92
N TYR A 140 10.65 7.18 -10.47
CA TYR A 140 9.71 7.83 -11.40
C TYR A 140 10.43 8.95 -12.18
N LYS A 141 11.15 9.79 -11.44
CA LYS A 141 11.82 10.93 -12.09
C LYS A 141 12.87 10.46 -13.11
N GLU A 142 13.57 9.37 -12.80
N GLU A 142 13.58 9.40 -12.83
CA GLU A 142 14.56 8.79 -13.74
CA GLU A 142 14.57 8.94 -13.79
C GLU A 142 13.88 8.44 -15.03
C GLU A 142 13.91 8.32 -15.02
N LEU A 143 12.62 8.02 -14.96
CA LEU A 143 11.85 7.55 -16.11
C LEU A 143 11.08 8.67 -16.80
N GLY A 144 11.14 9.88 -16.28
CA GLY A 144 10.43 11.00 -16.89
C GLY A 144 9.05 11.27 -16.33
N PHE A 145 8.76 10.79 -15.12
CA PHE A 145 7.44 10.93 -14.54
C PHE A 145 7.47 11.78 -13.26
N SER A 146 6.88 12.98 -13.36
CA SER A 146 6.86 13.98 -12.30
C SER A 146 5.49 14.46 -11.90
N GLY A 147 4.41 13.90 -12.42
CA GLY A 147 3.07 14.43 -12.22
C GLY A 147 2.27 13.96 -11.02
S SO4 B . -21.54 4.28 -5.38
O1 SO4 B . -22.07 4.10 -4.05
O2 SO4 B . -22.42 3.68 -6.41
O3 SO4 B . -21.33 5.69 -5.68
O4 SO4 B . -20.18 3.57 -5.40
CHA HEM C . -0.43 -3.60 -9.80
CHB HEM C . 2.03 -3.32 -5.65
CHC HEM C . 0.19 1.04 -4.90
CHD HEM C . -2.35 0.72 -8.96
C1A HEM C . 0.41 -3.90 -8.75
C2A HEM C . 1.19 -5.13 -8.64
C3A HEM C . 1.86 -5.02 -7.46
C4A HEM C . 1.48 -3.77 -6.86
CMA HEM C . 2.82 -6.02 -6.86
CAA HEM C . 1.27 -6.23 -9.68
CBA HEM C . 2.64 -6.24 -10.41
CBA HEM C . 1.87 -5.75 -11.03
CGA HEM C . 2.82 -4.94 -11.13
CGA HEM C . 3.13 -4.94 -10.85
O1A HEM C . 2.02 -4.72 -12.07
O1A HEM C . 3.14 -3.70 -11.14
O2A HEM C . 3.70 -4.12 -10.76
O2A HEM C . 4.16 -5.55 -10.42
C1B HEM C . 1.73 -2.10 -5.11
C2B HEM C . 2.29 -1.63 -3.85
C3B HEM C . 1.76 -0.44 -3.63
C4B HEM C . 0.90 -0.13 -4.74
CMB HEM C . 3.24 -2.49 -3.02
CAB HEM C . 1.99 0.47 -2.44
CBB HEM C . 3.27 0.60 -1.96
CBB HEM C . 2.05 -0.08 -1.22
C1C HEM C . -0.66 1.33 -5.92
C2C HEM C . -1.51 2.51 -6.01
C3C HEM C . -2.24 2.40 -7.11
C4C HEM C . -1.82 1.16 -7.77
CMC HEM C . -1.48 3.58 -4.94
CAC HEM C . -3.28 3.35 -7.65
CBC HEM C . -3.92 4.19 -6.80
C1D HEM C . -2.01 -0.48 -9.55
C2D HEM C . -2.63 -0.94 -10.75
C3D HEM C . -2.09 -2.24 -11.01
C4D HEM C . -1.18 -2.45 -9.90
CMD HEM C . -3.63 -0.22 -11.57
CAD HEM C . -2.43 -3.14 -12.15
CBD HEM C . -3.67 -3.97 -11.81
CGD HEM C . -3.98 -4.96 -12.90
O1D HEM C . -4.04 -4.58 -14.10
O2D HEM C . -4.15 -6.15 -12.58
NA HEM C . 0.60 -3.06 -7.67
NB HEM C . 0.89 -1.15 -5.65
NC HEM C . -0.85 0.52 -7.01
ND HEM C . -1.13 -1.41 -9.01
FE HEM C . -0.14 -1.28 -7.32
N NO D . -1.58 -1.86 -6.54
O NO D . -2.32 -1.41 -5.66
#